data_4G5F
#
_entry.id   4G5F
#
_cell.length_a   48.410
_cell.length_b   70.990
_cell.length_c   81.680
_cell.angle_alpha   90.00
_cell.angle_beta   99.58
_cell.angle_gamma   90.00
#
_symmetry.space_group_name_H-M   'P 1 21 1'
#
loop_
_entity.id
_entity.type
_entity.pdbx_description
1 polymer 'Pantothenate synthetase'
2 non-polymer GLYCEROL
3 non-polymer '(2S)-2,3-dihydro-1,4-benzodioxine-2-carboxylic acid'
4 non-polymer '(2R)-2,3-dihydro-1,4-benzodioxine-2-carboxylic acid'
5 non-polymer 1,2-ETHANEDIOL
6 non-polymer ETHANOL
7 water water
#
_entity_poly.entity_id   1
_entity_poly.type   'polypeptide(L)'
_entity_poly.pdbx_seq_one_letter_code
;MAIPAFHPGELNVYSAPGDVADVSRALRLTGRRVMLVPTMGALHEGHLALVRAAKRVPGSVVVVSIFVNPMQFGAGGDLD
AYPRTPDDDLAQLRAEGVEIAFTPTTAAMYPDGLRTTVQPGPLAAELEGGPRPTHFAGVLTVVLKLLQIVRPDRVFFGEK
DYQQLVLIRQLVADFNLDVAVVGVPTVREADGLAMSSRNRYLDPAQRAAAVALSAALTAAAHAATAGAQAALDAARAVLD
AAPGVAVDYLELRDIGLGPMPLNGSGRLLVAARLGTTRLLDNIAIEIGTFAGTDRPDGYRAILESHWRN
;
_entity_poly.pdbx_strand_id   A,B
#
# COMPACT_ATOMS: atom_id res chain seq x y z
N PRO A 4 8.24 -3.58 -25.05
CA PRO A 4 9.38 -4.48 -24.76
C PRO A 4 9.14 -5.89 -25.31
N ALA A 5 10.20 -6.53 -25.83
CA ALA A 5 10.17 -7.93 -26.29
C ALA A 5 9.93 -8.99 -25.21
N PHE A 6 9.29 -10.08 -25.60
CA PHE A 6 9.17 -11.28 -24.80
C PHE A 6 9.44 -12.51 -25.64
N HIS A 7 10.68 -13.00 -25.61
CA HIS A 7 10.98 -14.28 -26.23
C HIS A 7 10.57 -15.43 -25.24
N PRO A 8 9.46 -16.13 -25.54
CA PRO A 8 8.92 -17.15 -24.62
C PRO A 8 9.75 -18.43 -24.58
N GLY A 9 9.55 -19.23 -23.54
CA GLY A 9 10.43 -20.39 -23.30
C GLY A 9 11.88 -19.98 -23.02
N GLU A 10 12.16 -18.68 -23.11
CA GLU A 10 13.45 -18.11 -22.69
C GLU A 10 13.39 -17.20 -21.43
N LEU A 11 14.53 -16.93 -20.85
CA LEU A 11 14.54 -16.00 -19.73
C LEU A 11 14.75 -14.56 -20.26
N ASN A 12 13.74 -13.74 -20.04
CA ASN A 12 13.70 -12.31 -20.31
C ASN A 12 13.98 -11.47 -19.05
N VAL A 13 15.00 -10.62 -19.15
CA VAL A 13 15.41 -9.82 -18.02
C VAL A 13 14.95 -8.40 -18.26
N TYR A 14 14.09 -7.88 -17.38
CA TYR A 14 13.66 -6.47 -17.45
C TYR A 14 14.07 -5.76 -16.19
N SER A 15 14.67 -4.59 -16.34
N SER A 15 14.72 -4.62 -16.36
CA SER A 15 15.08 -3.73 -15.22
CA SER A 15 15.07 -3.76 -15.26
C SER A 15 14.14 -2.57 -14.95
C SER A 15 13.94 -2.79 -14.96
N ALA A 16 13.44 -2.11 -15.98
CA ALA A 16 12.49 -1.00 -15.77
C ALA A 16 11.14 -1.47 -15.26
N PRO A 17 10.63 -0.84 -14.20
CA PRO A 17 9.31 -1.28 -13.73
C PRO A 17 8.24 -1.34 -14.83
N GLY A 18 8.19 -0.28 -15.65
CA GLY A 18 7.31 -0.17 -16.81
C GLY A 18 7.34 -1.38 -17.74
N ASP A 19 8.53 -1.92 -18.04
CA ASP A 19 8.65 -3.02 -19.02
C ASP A 19 8.05 -4.34 -18.48
N VAL A 20 8.28 -4.63 -17.19
CA VAL A 20 7.68 -5.84 -16.64
C VAL A 20 6.16 -5.65 -16.37
N ALA A 21 5.74 -4.40 -16.11
CA ALA A 21 4.34 -4.14 -15.88
C ALA A 21 3.59 -4.40 -17.20
N ASP A 22 4.12 -3.86 -18.29
CA ASP A 22 3.53 -4.04 -19.61
C ASP A 22 3.50 -5.49 -20.07
N VAL A 23 4.65 -6.16 -20.02
CA VAL A 23 4.76 -7.56 -20.38
C VAL A 23 3.84 -8.45 -19.52
N SER A 24 3.83 -8.20 -18.19
CA SER A 24 2.94 -8.86 -17.23
C SER A 24 1.46 -8.74 -17.58
N ARG A 25 1.01 -7.52 -17.83
CA ARG A 25 -0.35 -7.27 -18.20
C ARG A 25 -0.66 -7.93 -19.56
N ALA A 26 0.27 -7.84 -20.49
CA ALA A 26 -0.05 -8.40 -21.79
C ALA A 26 -0.25 -9.90 -21.59
N LEU A 27 0.70 -10.56 -20.92
CA LEU A 27 0.59 -12.01 -20.71
C LEU A 27 -0.71 -12.42 -20.01
N ARG A 28 -1.22 -11.53 -19.18
CA ARG A 28 -2.40 -11.85 -18.44
C ARG A 28 -3.66 -11.72 -19.32
N LEU A 29 -3.68 -10.66 -20.10
CA LEU A 29 -4.75 -10.39 -21.04
C LEU A 29 -4.85 -11.48 -22.11
N THR A 30 -3.85 -12.35 -22.21
CA THR A 30 -3.92 -13.47 -23.13
C THR A 30 -4.24 -14.76 -22.37
N GLY A 31 -4.49 -14.65 -21.06
CA GLY A 31 -4.82 -15.85 -20.25
C GLY A 31 -3.77 -16.64 -19.46
N ARG A 32 -2.50 -16.28 -19.58
CA ARG A 32 -1.44 -16.83 -18.72
C ARG A 32 -1.62 -16.37 -17.25
N ARG A 33 -1.34 -17.25 -16.31
CA ARG A 33 -1.42 -16.87 -14.93
C ARG A 33 -0.04 -16.50 -14.37
N VAL A 34 0.06 -15.25 -13.95
CA VAL A 34 1.30 -14.63 -13.61
C VAL A 34 1.64 -14.97 -12.16
N MET A 35 2.80 -15.59 -11.97
CA MET A 35 3.24 -15.97 -10.62
C MET A 35 4.45 -15.12 -10.29
N LEU A 36 4.45 -14.59 -9.07
CA LEU A 36 5.54 -13.74 -8.59
C LEU A 36 6.32 -14.40 -7.46
N VAL A 37 7.64 -14.42 -7.62
CA VAL A 37 8.51 -14.90 -6.56
C VAL A 37 9.52 -13.83 -6.21
N PRO A 38 9.28 -13.13 -5.10
CA PRO A 38 10.19 -12.04 -4.79
C PRO A 38 11.39 -12.54 -4.10
N THR A 39 12.53 -12.10 -4.53
CA THR A 39 13.76 -12.50 -3.84
C THR A 39 14.77 -11.37 -3.73
N MET A 40 15.79 -11.62 -2.91
CA MET A 40 16.94 -10.71 -2.76
C MET A 40 18.18 -11.28 -3.43
N GLY A 41 17.97 -12.16 -4.41
CA GLY A 41 19.08 -12.83 -5.10
C GLY A 41 19.86 -13.78 -4.19
N ALA A 42 21.13 -14.01 -4.54
CA ALA A 42 21.96 -15.04 -3.94
C ALA A 42 21.10 -16.30 -3.75
N LEU A 43 20.65 -16.84 -4.86
CA LEU A 43 19.58 -17.81 -4.84
C LEU A 43 20.17 -19.17 -4.47
N HIS A 44 19.34 -19.99 -3.81
CA HIS A 44 19.70 -21.34 -3.42
C HIS A 44 18.45 -22.22 -3.57
N GLU A 45 18.55 -23.48 -3.17
CA GLU A 45 17.53 -24.48 -3.44
C GLU A 45 16.20 -24.11 -2.78
N GLY A 46 16.27 -23.33 -1.71
CA GLY A 46 15.06 -22.84 -1.04
C GLY A 46 14.24 -21.87 -1.90
N HIS A 47 14.94 -21.08 -2.72
CA HIS A 47 14.33 -20.26 -3.73
C HIS A 47 13.81 -21.11 -4.86
N LEU A 48 14.61 -22.09 -5.29
CA LEU A 48 14.15 -22.87 -6.45
C LEU A 48 12.92 -23.71 -6.12
N ALA A 49 12.70 -24.03 -4.86
CA ALA A 49 11.47 -24.74 -4.53
C ALA A 49 10.29 -23.77 -4.62
N LEU A 50 10.54 -22.48 -4.37
CA LEU A 50 9.51 -21.45 -4.55
C LEU A 50 9.17 -21.32 -6.03
N VAL A 51 10.19 -21.33 -6.86
CA VAL A 51 10.01 -21.26 -8.32
C VAL A 51 9.21 -22.45 -8.82
N ARG A 52 9.53 -23.65 -8.32
CA ARG A 52 8.87 -24.85 -8.85
C ARG A 52 7.40 -24.94 -8.46
N ALA A 53 7.06 -24.59 -7.22
CA ALA A 53 5.64 -24.43 -6.86
C ALA A 53 4.95 -23.52 -7.83
N ALA A 54 5.66 -22.52 -8.34
CA ALA A 54 5.00 -21.54 -9.16
C ALA A 54 4.82 -22.15 -10.52
N LYS A 55 5.86 -22.85 -11.02
CA LYS A 55 5.82 -23.49 -12.33
C LYS A 55 4.70 -24.51 -12.46
N ARG A 56 4.37 -25.15 -11.35
CA ARG A 56 3.40 -26.19 -11.33
C ARG A 56 1.97 -25.69 -11.47
N VAL A 57 1.75 -24.39 -11.36
CA VAL A 57 0.40 -23.82 -11.56
C VAL A 57 0.12 -23.66 -13.05
N PRO A 58 -1.00 -24.22 -13.54
CA PRO A 58 -1.19 -24.36 -14.99
C PRO A 58 -1.43 -23.01 -15.74
N GLY A 59 -0.79 -22.85 -16.90
CA GLY A 59 -0.78 -21.58 -17.63
C GLY A 59 0.07 -20.51 -16.95
N SER A 60 0.99 -20.96 -16.12
CA SER A 60 1.77 -20.08 -15.32
C SER A 60 2.83 -19.38 -16.18
N VAL A 61 3.04 -18.10 -15.92
CA VAL A 61 4.26 -17.49 -16.36
C VAL A 61 4.90 -16.99 -15.07
N VAL A 62 6.20 -17.26 -14.94
CA VAL A 62 6.88 -17.06 -13.66
C VAL A 62 7.75 -15.79 -13.72
N VAL A 63 7.49 -14.90 -12.78
CA VAL A 63 8.34 -13.76 -12.53
C VAL A 63 9.09 -13.95 -11.21
N VAL A 64 10.40 -13.88 -11.30
CA VAL A 64 11.22 -13.84 -10.13
C VAL A 64 11.80 -12.46 -10.04
N SER A 65 11.62 -11.80 -8.89
CA SER A 65 12.20 -10.51 -8.76
C SER A 65 13.45 -10.64 -7.92
N ILE A 66 14.48 -9.86 -8.27
CA ILE A 66 15.78 -9.90 -7.56
C ILE A 66 16.12 -8.47 -7.16
N PHE A 67 16.07 -8.14 -5.89
CA PHE A 67 16.26 -6.76 -5.56
C PHE A 67 16.62 -6.67 -4.10
N VAL A 68 17.79 -6.10 -3.83
CA VAL A 68 18.25 -5.97 -2.45
C VAL A 68 17.69 -4.64 -1.99
N ASN A 69 16.70 -4.71 -1.14
CA ASN A 69 15.93 -3.55 -0.85
C ASN A 69 16.53 -2.66 0.25
N PRO A 70 17.04 -1.48 -0.13
CA PRO A 70 17.70 -0.73 0.95
C PRO A 70 16.79 -0.27 2.09
N MET A 71 15.47 -0.46 1.98
CA MET A 71 14.57 0.05 3.03
C MET A 71 14.42 -0.85 4.27
N GLN A 72 14.67 -2.15 4.10
CA GLN A 72 14.55 -3.15 5.18
C GLN A 72 15.83 -3.36 6.03
N PHE A 73 16.95 -2.79 5.58
CA PHE A 73 18.25 -3.00 6.22
C PHE A 73 18.55 -2.02 7.38
N ASP A 78 25.40 -3.64 7.14
CA ASP A 78 24.40 -4.70 6.95
C ASP A 78 23.94 -4.81 5.48
N LEU A 79 23.60 -3.66 4.90
CA LEU A 79 23.22 -3.54 3.49
C LEU A 79 24.38 -3.81 2.50
N ASP A 80 25.56 -3.24 2.78
CA ASP A 80 26.80 -3.53 2.00
C ASP A 80 27.33 -4.99 2.14
N ALA A 81 26.96 -5.66 3.25
CA ALA A 81 27.35 -7.04 3.57
C ALA A 81 26.51 -8.13 2.87
N TYR A 82 25.32 -7.77 2.35
CA TYR A 82 24.46 -8.77 1.67
C TYR A 82 25.14 -9.44 0.46
N PRO A 83 24.95 -10.80 0.27
CA PRO A 83 25.63 -11.51 -0.84
C PRO A 83 25.01 -11.21 -2.18
N ARG A 84 25.84 -10.84 -3.16
CA ARG A 84 25.26 -10.57 -4.46
C ARG A 84 25.91 -11.46 -5.51
N THR A 85 25.11 -12.32 -6.13
CA THR A 85 25.63 -13.26 -7.13
C THR A 85 24.71 -13.37 -8.37
N PRO A 86 24.59 -12.27 -9.16
CA PRO A 86 23.65 -12.24 -10.31
C PRO A 86 23.90 -13.28 -11.44
N ASP A 87 25.15 -13.49 -11.85
CA ASP A 87 25.45 -14.47 -12.90
C ASP A 87 24.89 -15.84 -12.53
N ASP A 88 25.23 -16.29 -11.32
CA ASP A 88 24.70 -17.51 -10.74
C ASP A 88 23.16 -17.43 -10.67
N ASP A 89 22.62 -16.37 -10.05
CA ASP A 89 21.16 -16.20 -9.92
C ASP A 89 20.45 -16.41 -11.29
N LEU A 90 20.94 -15.70 -12.30
CA LEU A 90 20.39 -15.77 -13.67
C LEU A 90 20.52 -17.14 -14.33
N ALA A 91 21.71 -17.73 -14.30
CA ALA A 91 21.86 -19.14 -14.76
C ALA A 91 20.97 -20.12 -14.00
N GLN A 92 20.71 -19.91 -12.71
CA GLN A 92 19.76 -20.79 -12.02
C GLN A 92 18.34 -20.71 -12.58
N LEU A 93 17.91 -19.50 -12.93
CA LEU A 93 16.57 -19.28 -13.42
C LEU A 93 16.42 -19.78 -14.86
N ARG A 94 17.44 -19.54 -15.71
CA ARG A 94 17.47 -20.22 -17.03
C ARG A 94 17.20 -21.71 -16.84
N ALA A 95 17.94 -22.33 -15.91
CA ALA A 95 17.89 -23.77 -15.67
C ALA A 95 16.52 -24.26 -15.17
N GLU A 96 15.74 -23.39 -14.53
CA GLU A 96 14.39 -23.75 -14.07
C GLU A 96 13.36 -23.49 -15.15
N GLY A 97 13.79 -22.82 -16.22
CA GLY A 97 12.90 -22.36 -17.27
C GLY A 97 11.96 -21.24 -16.81
N VAL A 98 12.42 -20.43 -15.84
CA VAL A 98 11.75 -19.17 -15.48
C VAL A 98 11.80 -18.25 -16.70
N GLU A 99 10.65 -17.70 -17.03
CA GLU A 99 10.61 -16.86 -18.21
C GLU A 99 10.93 -15.39 -17.98
N ILE A 100 10.73 -14.93 -16.74
CA ILE A 100 10.97 -13.53 -16.42
C ILE A 100 11.74 -13.26 -15.11
N ALA A 101 12.86 -12.57 -15.26
CA ALA A 101 13.60 -11.99 -14.15
C ALA A 101 13.36 -10.46 -14.14
N PHE A 102 12.91 -9.96 -13.01
CA PHE A 102 12.67 -8.52 -12.81
C PHE A 102 13.78 -8.05 -11.90
N THR A 103 14.73 -7.30 -12.44
CA THR A 103 15.88 -6.78 -11.65
C THR A 103 15.88 -5.21 -11.62
N PRO A 104 15.01 -4.58 -10.78
CA PRO A 104 14.99 -3.08 -10.76
C PRO A 104 16.25 -2.40 -10.17
N THR A 105 16.48 -1.16 -10.54
CA THR A 105 17.55 -0.39 -9.94
C THR A 105 16.89 0.26 -8.69
N THR A 106 17.73 0.72 -7.75
CA THR A 106 17.26 1.46 -6.56
C THR A 106 16.55 2.76 -6.99
N ALA A 107 17.11 3.42 -8.01
CA ALA A 107 16.56 4.68 -8.50
C ALA A 107 15.18 4.44 -9.07
N ALA A 108 14.98 3.33 -9.77
CA ALA A 108 13.66 3.07 -10.37
C ALA A 108 12.68 2.70 -9.25
N MET A 109 13.16 2.10 -8.17
CA MET A 109 12.24 1.70 -7.06
C MET A 109 11.99 2.81 -6.03
N TYR A 110 12.99 3.69 -5.84
CA TYR A 110 12.90 4.77 -4.85
C TYR A 110 13.27 6.18 -5.45
N PRO A 111 12.70 6.54 -6.62
CA PRO A 111 13.00 7.82 -7.26
C PRO A 111 12.68 9.00 -6.33
N ASP A 112 11.85 8.79 -5.30
CA ASP A 112 11.49 9.88 -4.40
C ASP A 112 11.96 9.66 -2.97
N GLY A 113 12.87 8.70 -2.82
CA GLY A 113 13.40 8.27 -1.55
C GLY A 113 12.25 7.60 -0.81
N LEU A 114 12.25 7.78 0.52
CA LEU A 114 11.19 7.28 1.34
C LEU A 114 10.20 8.37 1.52
N ARG A 115 9.08 8.23 0.81
CA ARG A 115 8.02 9.21 0.91
C ARG A 115 6.80 8.50 1.44
N THR A 116 5.93 7.96 0.59
CA THR A 116 4.80 7.12 1.08
C THR A 116 5.31 5.69 1.32
N THR A 117 5.07 5.15 2.53
CA THR A 117 5.59 3.83 2.94
C THR A 117 4.45 3.09 3.65
N VAL A 118 4.61 1.78 3.82
CA VAL A 118 3.59 0.99 4.53
C VAL A 118 3.92 1.00 6.03
N GLN A 119 2.93 1.21 6.87
CA GLN A 119 3.23 1.01 8.26
C GLN A 119 2.64 -0.31 8.76
N PRO A 120 3.48 -1.31 9.06
CA PRO A 120 2.83 -2.58 9.45
C PRO A 120 2.15 -2.47 10.81
N GLY A 121 1.27 -3.43 11.12
CA GLY A 121 0.77 -3.65 12.48
C GLY A 121 1.82 -3.88 13.58
N PRO A 122 1.36 -4.01 14.86
CA PRO A 122 2.21 -4.20 16.04
C PRO A 122 3.06 -5.49 15.95
N LEU A 123 2.56 -6.51 15.23
CA LEU A 123 3.44 -7.69 14.98
C LEU A 123 4.84 -7.33 14.42
N ALA A 124 4.96 -6.20 13.72
CA ALA A 124 6.25 -5.82 13.13
C ALA A 124 7.27 -5.27 14.17
N ALA A 125 6.80 -4.88 15.36
CA ALA A 125 7.66 -4.43 16.51
C ALA A 125 8.31 -5.59 17.33
N GLU A 126 7.82 -6.80 17.14
CA GLU A 126 8.21 -7.95 17.96
C GLU A 126 9.14 -8.88 17.21
N LEU A 127 9.69 -9.85 17.94
CA LEU A 127 10.56 -10.87 17.40
C LEU A 127 11.65 -10.26 16.53
N GLU A 128 11.64 -10.49 15.23
CA GLU A 128 12.69 -9.95 14.40
C GLU A 128 12.71 -8.42 14.42
N GLY A 129 11.58 -7.83 14.80
CA GLY A 129 11.43 -6.43 14.68
C GLY A 129 11.77 -5.66 15.93
N GLY A 130 11.99 -6.35 17.04
CA GLY A 130 12.20 -5.68 18.33
C GLY A 130 13.38 -4.68 18.36
N PRO A 131 14.57 -5.14 17.91
CA PRO A 131 15.79 -4.35 17.81
C PRO A 131 15.95 -3.70 16.42
N ARG A 132 14.93 -3.82 15.58
CA ARG A 132 14.96 -3.34 14.18
C ARG A 132 13.54 -2.89 13.86
N PRO A 133 13.08 -1.80 14.53
CA PRO A 133 11.69 -1.46 14.38
C PRO A 133 11.29 -1.01 12.97
N THR A 134 12.23 -0.70 12.08
CA THR A 134 11.81 -0.25 10.75
C THR A 134 11.91 -1.34 9.68
N HIS A 135 12.53 -2.45 10.04
CA HIS A 135 12.77 -3.54 9.12
C HIS A 135 11.47 -3.95 8.36
N PHE A 136 10.40 -4.32 9.07
CA PHE A 136 9.19 -4.79 8.33
C PHE A 136 8.51 -3.72 7.46
N ALA A 137 8.61 -2.46 7.89
CA ALA A 137 8.12 -1.37 7.06
C ALA A 137 8.73 -1.43 5.67
N GLY A 138 10.05 -1.57 5.57
CA GLY A 138 10.73 -1.64 4.27
C GLY A 138 10.33 -2.85 3.45
N VAL A 139 10.18 -3.99 4.11
CA VAL A 139 9.77 -5.23 3.48
C VAL A 139 8.35 -5.08 2.90
N LEU A 140 7.40 -4.62 3.72
CA LEU A 140 6.02 -4.46 3.22
C LEU A 140 5.91 -3.38 2.15
N THR A 141 6.73 -2.34 2.27
CA THR A 141 6.73 -1.29 1.19
C THR A 141 7.17 -1.90 -0.16
N VAL A 142 8.28 -2.64 -0.19
CA VAL A 142 8.77 -3.13 -1.46
C VAL A 142 7.85 -4.25 -1.99
N VAL A 143 7.34 -5.09 -1.09
CA VAL A 143 6.38 -6.09 -1.52
C VAL A 143 5.11 -5.50 -2.11
N LEU A 144 4.48 -4.51 -1.45
CA LEU A 144 3.39 -3.79 -2.06
C LEU A 144 3.75 -3.28 -3.47
N LYS A 145 4.90 -2.61 -3.62
CA LYS A 145 5.28 -2.03 -4.89
C LYS A 145 5.43 -3.11 -5.97
N LEU A 146 6.02 -4.25 -5.60
CA LEU A 146 6.30 -5.36 -6.49
C LEU A 146 4.97 -5.95 -6.93
N LEU A 147 4.02 -6.07 -6.02
CA LEU A 147 2.70 -6.62 -6.42
C LEU A 147 1.95 -5.70 -7.37
N GLN A 148 2.16 -4.38 -7.18
CA GLN A 148 1.54 -3.34 -8.02
C GLN A 148 2.17 -3.29 -9.36
N ILE A 149 3.51 -3.38 -9.44
CA ILE A 149 4.21 -3.47 -10.72
C ILE A 149 3.88 -4.71 -11.55
N VAL A 150 4.00 -5.88 -10.93
CA VAL A 150 3.87 -7.17 -11.61
C VAL A 150 2.40 -7.67 -11.62
N ARG A 151 1.60 -7.30 -10.62
CA ARG A 151 0.19 -7.71 -10.63
C ARG A 151 -0.04 -9.22 -10.89
N PRO A 152 0.57 -10.12 -10.06
CA PRO A 152 0.42 -11.56 -10.22
C PRO A 152 -0.86 -12.08 -9.61
N ASP A 153 -1.29 -13.27 -10.07
CA ASP A 153 -2.40 -14.04 -9.42
C ASP A 153 -1.98 -14.51 -8.04
N ARG A 154 -0.71 -14.89 -7.94
CA ARG A 154 -0.16 -15.47 -6.75
C ARG A 154 1.27 -15.04 -6.54
N VAL A 155 1.58 -14.96 -5.25
CA VAL A 155 2.86 -14.57 -4.78
C VAL A 155 3.44 -15.59 -3.78
N PHE A 156 4.68 -15.99 -4.05
CA PHE A 156 5.33 -17.07 -3.29
C PHE A 156 6.42 -16.65 -2.27
N PHE A 157 6.24 -17.12 -1.03
CA PHE A 157 7.23 -16.98 0.03
C PHE A 157 7.59 -18.27 0.80
N GLY A 158 8.86 -18.39 1.20
CA GLY A 158 9.27 -19.48 2.08
C GLY A 158 8.79 -19.29 3.52
N GLU A 159 8.52 -20.38 4.22
CA GLU A 159 8.17 -20.27 5.64
C GLU A 159 9.36 -20.02 6.57
N LYS A 160 10.57 -20.07 6.04
CA LYS A 160 11.76 -19.77 6.80
C LYS A 160 11.49 -18.47 7.53
N ASP A 161 11.23 -17.41 6.75
CA ASP A 161 10.91 -16.09 7.28
C ASP A 161 9.44 -16.03 7.50
N TYR A 162 9.02 -16.79 8.51
CA TYR A 162 7.65 -17.01 8.85
C TYR A 162 6.96 -15.71 9.31
N GLN A 163 7.65 -14.88 10.09
CA GLN A 163 7.08 -13.61 10.53
C GLN A 163 6.86 -12.71 9.34
N GLN A 164 7.85 -12.60 8.48
CA GLN A 164 7.66 -11.96 7.21
C GLN A 164 6.42 -12.46 6.45
N LEU A 165 6.23 -13.77 6.40
CA LEU A 165 5.10 -14.36 5.69
C LEU A 165 3.81 -13.88 6.34
N VAL A 166 3.74 -13.89 7.67
CA VAL A 166 2.51 -13.53 8.34
C VAL A 166 2.15 -12.04 8.09
N LEU A 167 3.15 -11.16 8.12
CA LEU A 167 2.94 -9.74 7.87
C LEU A 167 2.56 -9.52 6.43
N ILE A 168 3.21 -10.23 5.52
CA ILE A 168 2.75 -10.17 4.13
C ILE A 168 1.27 -10.56 3.91
N ARG A 169 0.75 -11.56 4.62
CA ARG A 169 -0.68 -11.86 4.55
C ARG A 169 -1.49 -10.78 5.28
N GLN A 170 -0.90 -10.07 6.25
CA GLN A 170 -1.58 -8.90 6.81
C GLN A 170 -1.67 -7.83 5.71
N LEU A 171 -0.54 -7.44 5.14
CA LEU A 171 -0.49 -6.57 3.94
C LEU A 171 -1.61 -6.87 2.97
N VAL A 172 -1.66 -8.11 2.53
CA VAL A 172 -2.61 -8.50 1.53
C VAL A 172 -4.07 -8.41 2.01
N ALA A 173 -4.39 -8.78 3.25
CA ALA A 173 -5.80 -8.76 3.67
C ALA A 173 -6.23 -7.33 3.98
N ASP A 174 -5.33 -6.58 4.62
CA ASP A 174 -5.67 -5.24 5.11
C ASP A 174 -5.87 -4.17 4.04
N PHE A 175 -5.18 -4.33 2.89
CA PHE A 175 -5.26 -3.43 1.77
C PHE A 175 -6.05 -4.04 0.64
N ASN A 176 -6.72 -5.16 0.91
CA ASN A 176 -7.58 -5.82 -0.11
C ASN A 176 -6.85 -6.19 -1.41
N LEU A 177 -5.60 -6.63 -1.32
CA LEU A 177 -4.91 -6.98 -2.56
C LEU A 177 -5.51 -8.23 -3.17
N ASP A 178 -5.78 -8.16 -4.46
CA ASP A 178 -6.39 -9.27 -5.19
C ASP A 178 -5.29 -10.18 -5.62
N VAL A 179 -4.61 -10.81 -4.67
CA VAL A 179 -3.53 -11.78 -4.95
C VAL A 179 -3.57 -12.86 -3.90
N ALA A 180 -3.34 -14.11 -4.30
CA ALA A 180 -3.18 -15.23 -3.34
C ALA A 180 -1.71 -15.37 -2.87
N VAL A 181 -1.50 -15.34 -1.55
CA VAL A 181 -0.20 -15.58 -0.94
C VAL A 181 0.07 -17.09 -0.71
N VAL A 182 1.15 -17.59 -1.30
CA VAL A 182 1.47 -19.00 -1.13
C VAL A 182 2.69 -19.18 -0.24
N GLY A 183 2.44 -19.75 0.95
CA GLY A 183 3.52 -20.14 1.85
C GLY A 183 4.10 -21.47 1.39
N VAL A 184 5.43 -21.55 1.29
CA VAL A 184 6.12 -22.79 0.85
C VAL A 184 7.09 -23.33 1.91
N PRO A 185 6.91 -24.62 2.32
CA PRO A 185 7.69 -25.17 3.43
C PRO A 185 9.21 -24.97 3.23
N THR A 186 9.89 -24.67 4.34
CA THR A 186 11.32 -24.44 4.38
C THR A 186 12.12 -25.61 3.77
N VAL A 187 13.05 -25.34 2.87
CA VAL A 187 13.92 -26.38 2.33
C VAL A 187 15.10 -26.51 3.27
N ARG A 188 15.51 -27.76 3.52
CA ARG A 188 16.55 -28.03 4.52
C ARG A 188 17.75 -28.75 3.92
N GLU A 189 18.94 -28.48 4.46
CA GLU A 189 20.10 -29.32 4.15
C GLU A 189 19.84 -30.72 4.74
N ALA A 190 20.63 -31.73 4.36
CA ALA A 190 20.31 -33.13 4.76
C ALA A 190 20.32 -33.35 6.29
N ASP A 191 21.02 -32.48 7.00
CA ASP A 191 21.06 -32.55 8.43
C ASP A 191 19.93 -31.78 9.14
N GLY A 192 19.04 -31.12 8.39
CA GLY A 192 17.96 -30.27 8.95
C GLY A 192 18.11 -28.73 8.85
N LEU A 193 19.34 -28.26 8.66
CA LEU A 193 19.66 -26.83 8.61
C LEU A 193 18.81 -26.15 7.58
N ALA A 194 18.12 -25.10 7.99
CA ALA A 194 17.26 -24.35 7.08
C ALA A 194 18.15 -23.63 6.09
N MET A 195 17.91 -23.83 4.80
CA MET A 195 18.61 -23.09 3.78
C MET A 195 18.43 -21.55 3.86
N SER A 196 19.55 -20.86 3.75
CA SER A 196 19.57 -19.41 3.87
C SER A 196 20.85 -18.98 3.17
N SER A 197 20.72 -17.84 2.49
CA SER A 197 21.85 -17.13 1.93
C SER A 197 22.86 -16.77 3.03
N ARG A 198 22.36 -16.59 4.26
CA ARG A 198 23.23 -16.35 5.41
C ARG A 198 24.14 -17.50 5.75
N ASN A 199 23.71 -18.73 5.43
CA ASN A 199 24.48 -19.93 5.76
C ASN A 199 25.95 -19.86 5.26
N ARG A 200 26.22 -19.21 4.12
CA ARG A 200 27.61 -19.18 3.59
C ARG A 200 28.56 -18.50 4.58
N TYR A 201 28.04 -17.74 5.53
CA TYR A 201 28.89 -17.04 6.50
C TYR A 201 29.28 -17.84 7.75
N LEU A 202 28.93 -19.14 7.79
CA LEU A 202 29.36 -20.07 8.84
C LEU A 202 30.65 -20.81 8.46
N ASP A 203 31.69 -20.71 9.28
CA ASP A 203 32.85 -21.58 9.12
C ASP A 203 32.45 -23.04 9.39
N PRO A 204 33.33 -24.01 9.08
CA PRO A 204 32.95 -25.42 9.28
C PRO A 204 32.52 -25.75 10.74
N ALA A 205 33.17 -25.13 11.73
CA ALA A 205 32.77 -25.31 13.13
C ALA A 205 31.33 -24.86 13.38
N GLN A 206 31.01 -23.58 13.08
CA GLN A 206 29.69 -22.99 13.24
C GLN A 206 28.68 -23.75 12.39
N ARG A 207 29.08 -24.20 11.21
CA ARG A 207 28.18 -24.91 10.37
C ARG A 207 27.69 -26.16 11.14
N ALA A 208 28.58 -26.75 11.92
CA ALA A 208 28.28 -28.01 12.56
C ALA A 208 27.38 -27.71 13.75
N ALA A 209 27.68 -26.62 14.46
CA ALA A 209 26.84 -26.19 15.60
C ALA A 209 25.43 -25.80 15.15
N ALA A 210 25.32 -25.35 13.88
CA ALA A 210 24.11 -24.66 13.38
C ALA A 210 22.96 -25.62 13.30
N VAL A 211 23.29 -26.91 13.25
CA VAL A 211 22.29 -27.96 13.23
C VAL A 211 21.47 -27.94 14.54
N ALA A 212 21.98 -27.34 15.61
CA ALA A 212 21.19 -27.26 16.81
C ALA A 212 19.81 -26.57 16.70
N LEU A 213 19.61 -25.71 15.71
CA LEU A 213 18.37 -25.02 15.62
C LEU A 213 17.25 -25.94 15.19
N SER A 214 17.48 -26.68 14.08
CA SER A 214 16.44 -27.57 13.56
C SER A 214 16.28 -28.80 14.48
N ALA A 215 17.38 -29.29 15.01
CA ALA A 215 17.31 -30.34 16.00
C ALA A 215 16.43 -29.90 17.16
N ALA A 216 16.59 -28.63 17.63
CA ALA A 216 15.83 -28.14 18.80
C ALA A 216 14.32 -28.03 18.51
N LEU A 217 14.02 -27.61 17.31
CA LEU A 217 12.67 -27.47 16.89
C LEU A 217 12.03 -28.81 16.67
N THR A 218 12.72 -29.73 15.97
CA THR A 218 12.12 -31.02 15.71
C THR A 218 12.02 -31.77 17.03
N ALA A 219 13.00 -31.62 17.91
CA ALA A 219 12.85 -32.22 19.22
C ALA A 219 11.55 -31.71 19.88
N ALA A 220 11.38 -30.38 19.89
CA ALA A 220 10.26 -29.75 20.55
C ALA A 220 8.95 -30.18 19.91
N ALA A 221 8.94 -30.32 18.58
CA ALA A 221 7.71 -30.75 17.92
C ALA A 221 7.24 -32.11 18.42
N HIS A 222 8.17 -33.03 18.72
CA HIS A 222 7.78 -34.38 19.20
C HIS A 222 7.54 -34.44 20.70
N ALA A 223 8.30 -33.66 21.46
CA ALA A 223 8.07 -33.51 22.88
C ALA A 223 6.68 -32.90 23.16
N ALA A 224 6.13 -32.18 22.18
CA ALA A 224 4.88 -31.48 22.40
C ALA A 224 3.63 -32.34 22.73
N THR A 225 3.68 -33.68 22.63
CA THR A 225 2.55 -34.50 23.14
C THR A 225 2.44 -34.30 24.63
N ALA A 226 3.56 -33.98 25.28
CA ALA A 226 3.63 -33.75 26.70
C ALA A 226 3.32 -32.30 27.10
N GLY A 227 3.00 -31.44 26.12
CA GLY A 227 2.61 -30.07 26.41
C GLY A 227 3.65 -29.04 26.02
N ALA A 228 3.24 -27.77 26.16
CA ALA A 228 4.02 -26.59 25.74
C ALA A 228 5.35 -26.48 26.44
N GLN A 229 5.31 -26.63 27.75
CA GLN A 229 6.46 -26.44 28.59
C GLN A 229 7.55 -27.49 28.28
N ALA A 230 7.11 -28.71 28.09
CA ALA A 230 7.99 -29.80 27.68
C ALA A 230 8.60 -29.49 26.30
N ALA A 231 7.81 -28.99 25.38
CA ALA A 231 8.36 -28.71 24.02
C ALA A 231 9.48 -27.64 24.09
N LEU A 232 9.22 -26.61 24.91
CA LEU A 232 10.13 -25.49 25.04
C LEU A 232 11.41 -25.87 25.77
N ASP A 233 11.24 -26.64 26.85
CA ASP A 233 12.37 -27.19 27.59
C ASP A 233 13.21 -28.14 26.70
N ALA A 234 12.56 -28.97 25.89
CA ALA A 234 13.27 -29.84 24.92
C ALA A 234 14.12 -29.04 23.96
N ALA A 235 13.59 -27.93 23.45
CA ALA A 235 14.32 -27.09 22.48
C ALA A 235 15.46 -26.34 23.18
N ARG A 236 15.15 -25.82 24.36
CA ARG A 236 16.10 -25.11 25.17
C ARG A 236 17.30 -26.02 25.52
N ALA A 237 17.01 -27.28 25.93
CA ALA A 237 18.09 -28.23 26.23
C ALA A 237 19.02 -28.49 25.05
N VAL A 238 18.45 -28.70 23.86
CA VAL A 238 19.28 -28.90 22.67
C VAL A 238 20.19 -27.70 22.38
N LEU A 239 19.66 -26.50 22.54
CA LEU A 239 20.40 -25.25 22.22
C LEU A 239 21.50 -24.99 23.22
N ASP A 240 21.18 -25.21 24.49
CA ASP A 240 22.19 -25.15 25.53
C ASP A 240 23.36 -26.13 25.29
N ALA A 241 23.09 -27.32 24.75
CA ALA A 241 24.17 -28.29 24.54
C ALA A 241 24.99 -27.97 23.29
N ALA A 242 24.70 -26.85 22.63
CA ALA A 242 25.38 -26.49 21.38
C ALA A 242 26.45 -25.45 21.63
N PRO A 243 27.65 -25.70 21.08
CA PRO A 243 28.79 -24.86 21.43
C PRO A 243 28.72 -23.58 20.64
N GLY A 244 28.59 -22.46 21.35
CA GLY A 244 28.65 -21.15 20.68
C GLY A 244 27.49 -20.95 19.73
N VAL A 245 26.30 -21.38 20.18
CA VAL A 245 25.04 -20.89 19.66
C VAL A 245 24.49 -19.94 20.71
N ALA A 246 24.39 -18.64 20.38
CA ALA A 246 23.77 -17.67 21.33
C ALA A 246 22.31 -17.33 20.98
N VAL A 247 21.39 -17.78 21.81
CA VAL A 247 19.96 -17.65 21.51
C VAL A 247 19.50 -16.20 21.65
N ASP A 248 18.99 -15.60 20.56
CA ASP A 248 18.23 -14.35 20.66
C ASP A 248 16.84 -14.60 21.24
N TYR A 249 16.08 -15.48 20.60
CA TYR A 249 14.77 -15.79 21.17
C TYR A 249 14.35 -17.20 20.85
N LEU A 250 13.48 -17.71 21.68
CA LEU A 250 12.87 -18.95 21.35
C LEU A 250 11.47 -18.83 21.87
N GLU A 251 10.52 -18.87 20.94
CA GLU A 251 9.17 -18.53 21.31
C GLU A 251 8.11 -19.40 20.70
N LEU A 252 7.13 -19.70 21.52
CA LEU A 252 6.02 -20.52 21.09
C LEU A 252 4.83 -19.62 20.86
N ARG A 253 4.32 -19.57 19.63
CA ARG A 253 3.15 -18.71 19.39
C ARG A 253 2.01 -19.38 18.68
N ASP A 254 0.84 -18.75 18.76
CA ASP A 254 -0.25 -19.05 17.86
C ASP A 254 0.27 -18.94 16.37
N ILE A 255 -0.37 -19.60 15.40
CA ILE A 255 0.15 -19.57 14.03
C ILE A 255 0.14 -18.22 13.32
N GLY A 256 -0.78 -17.34 13.68
CA GLY A 256 -0.74 -15.99 13.18
C GLY A 256 0.06 -15.08 14.09
N LEU A 257 0.65 -15.65 15.15
CA LEU A 257 1.67 -14.97 16.00
C LEU A 257 1.10 -13.85 16.84
N GLY A 258 -0.20 -13.61 16.72
CA GLY A 258 -0.78 -12.32 17.10
C GLY A 258 -1.32 -12.30 18.52
N PRO A 259 -2.13 -11.25 18.85
CA PRO A 259 -2.89 -11.05 20.10
C PRO A 259 -3.84 -12.22 20.45
N MET A 260 -3.60 -13.40 19.88
CA MET A 260 -4.40 -14.56 20.25
C MET A 260 -3.55 -15.57 21.03
N PRO A 261 -4.15 -16.16 22.11
CA PRO A 261 -3.46 -17.23 22.86
C PRO A 261 -3.17 -18.48 22.00
N LEU A 262 -2.02 -19.11 22.23
CA LEU A 262 -1.74 -20.40 21.65
C LEU A 262 -2.80 -21.44 22.08
N ASN A 263 -3.47 -22.06 21.09
CA ASN A 263 -4.42 -23.15 21.33
C ASN A 263 -3.71 -24.55 21.29
N GLY A 264 -4.17 -25.43 20.39
CA GLY A 264 -3.49 -26.68 20.10
C GLY A 264 -2.54 -26.51 18.94
N SER A 265 -2.62 -25.38 18.23
CA SER A 265 -1.75 -25.22 17.08
C SER A 265 -0.92 -23.99 17.09
N GLY A 266 0.33 -24.18 16.72
CA GLY A 266 1.28 -23.17 16.97
C GLY A 266 2.41 -23.21 15.99
N ARG A 267 3.34 -22.35 16.27
CA ARG A 267 4.53 -22.26 15.51
C ARG A 267 5.52 -21.95 16.59
N LEU A 268 6.66 -22.63 16.48
CA LEU A 268 7.79 -22.40 17.36
C LEU A 268 8.90 -21.65 16.58
N LEU A 269 9.44 -20.58 17.16
CA LEU A 269 10.34 -19.73 16.39
C LEU A 269 11.63 -19.54 17.13
N VAL A 270 12.72 -19.64 16.42
CA VAL A 270 13.99 -19.44 17.05
C VAL A 270 14.88 -18.50 16.21
N ALA A 271 15.62 -17.66 16.94
CA ALA A 271 16.65 -16.84 16.38
C ALA A 271 17.87 -16.96 17.23
N ALA A 272 19.01 -17.11 16.59
CA ALA A 272 20.27 -17.35 17.31
C ALA A 272 21.50 -16.82 16.52
N ARG A 273 22.57 -16.46 17.24
CA ARG A 273 23.83 -15.97 16.62
C ARG A 273 24.88 -17.05 16.68
N LEU A 274 25.48 -17.35 15.54
CA LEU A 274 26.71 -18.13 15.46
C LEU A 274 27.86 -17.25 14.98
N GLY A 275 28.75 -16.86 15.88
CA GLY A 275 29.70 -15.83 15.57
C GLY A 275 28.88 -14.57 15.33
N THR A 276 29.09 -13.97 14.16
CA THR A 276 28.35 -12.78 13.77
C THR A 276 27.08 -13.10 12.95
N THR A 277 26.95 -14.34 12.49
CA THR A 277 25.83 -14.76 11.65
C THR A 277 24.54 -15.09 12.43
N ARG A 278 23.45 -14.33 12.22
CA ARG A 278 22.14 -14.68 12.80
C ARG A 278 21.38 -15.70 11.98
N LEU A 279 20.96 -16.78 12.62
CA LEU A 279 20.05 -17.69 11.94
C LEU A 279 18.65 -17.68 12.52
N LEU A 280 17.68 -17.88 11.64
CA LEU A 280 16.28 -18.09 12.03
C LEU A 280 15.82 -19.45 11.60
N ASP A 281 14.90 -20.00 12.38
CA ASP A 281 14.20 -21.19 11.97
C ASP A 281 12.86 -21.24 12.67
N ASN A 282 11.97 -22.06 12.13
CA ASN A 282 10.66 -22.22 12.81
C ASN A 282 10.01 -23.53 12.44
N ILE A 283 8.98 -23.90 13.16
CA ILE A 283 8.36 -25.13 12.83
C ILE A 283 6.92 -25.08 13.32
N ALA A 284 6.07 -25.91 12.73
CA ALA A 284 4.69 -26.15 13.23
C ALA A 284 4.74 -27.07 14.41
N ILE A 285 4.10 -26.65 15.50
CA ILE A 285 3.88 -27.43 16.72
C ILE A 285 2.38 -27.73 16.86
N GLU A 286 2.02 -28.98 17.17
CA GLU A 286 0.66 -29.34 17.68
C GLU A 286 0.79 -29.59 19.19
N ILE A 287 -0.01 -28.94 20.02
CA ILE A 287 0.14 -29.15 21.46
C ILE A 287 -0.83 -30.20 21.99
N GLY A 288 -0.28 -31.23 22.65
CA GLY A 288 -1.05 -32.29 23.33
C GLY A 288 -1.79 -33.24 22.39
N THR A 289 -3.12 -33.28 22.54
CA THR A 289 -3.97 -34.15 21.72
C THR A 289 -3.75 -33.88 20.25
N ALA B 2 -19.60 -17.36 -8.99
CA ALA B 2 -20.78 -16.89 -9.80
C ALA B 2 -21.10 -15.42 -9.49
N ILE B 3 -20.44 -14.55 -10.27
CA ILE B 3 -20.55 -13.08 -10.27
C ILE B 3 -21.90 -12.48 -9.80
N PRO B 4 -21.88 -11.46 -8.91
CA PRO B 4 -23.18 -10.83 -8.48
C PRO B 4 -23.95 -10.16 -9.60
N ALA B 5 -25.27 -10.07 -9.41
CA ALA B 5 -26.20 -9.41 -10.33
C ALA B 5 -25.87 -7.92 -10.66
N PHE B 6 -25.84 -7.61 -11.96
CA PHE B 6 -25.65 -6.22 -12.43
C PHE B 6 -26.62 -5.88 -13.54
N HIS B 7 -27.45 -4.86 -13.31
CA HIS B 7 -28.47 -4.41 -14.26
C HIS B 7 -28.06 -3.10 -14.93
N PRO B 8 -27.66 -3.14 -16.22
CA PRO B 8 -27.21 -1.95 -16.96
C PRO B 8 -28.17 -0.78 -16.80
N GLY B 9 -27.64 0.44 -16.85
CA GLY B 9 -28.46 1.66 -16.81
C GLY B 9 -29.27 1.92 -15.55
N GLU B 10 -29.19 1.00 -14.59
CA GLU B 10 -29.82 1.21 -13.28
C GLU B 10 -28.77 1.40 -12.19
N LEU B 11 -29.19 1.91 -11.03
CA LEU B 11 -28.30 2.05 -9.88
C LEU B 11 -28.20 0.72 -9.11
N ASN B 12 -27.08 0.00 -9.29
CA ASN B 12 -26.82 -1.22 -8.56
C ASN B 12 -25.99 -0.88 -7.31
N VAL B 13 -26.55 -1.23 -6.15
CA VAL B 13 -25.91 -0.99 -4.87
C VAL B 13 -25.33 -2.30 -4.31
N TYR B 14 -24.07 -2.24 -3.88
CA TYR B 14 -23.36 -3.33 -3.24
C TYR B 14 -22.69 -2.83 -1.98
N SER B 15 -22.80 -3.65 -0.95
CA SER B 15 -22.20 -3.34 0.33
C SER B 15 -20.93 -4.17 0.63
N ALA B 16 -20.78 -5.29 -0.04
CA ALA B 16 -19.69 -6.22 0.23
C ALA B 16 -18.56 -5.91 -0.74
N PRO B 17 -17.36 -5.66 -0.20
CA PRO B 17 -16.21 -5.41 -1.02
C PRO B 17 -16.03 -6.41 -2.19
N GLY B 18 -16.23 -7.71 -1.95
CA GLY B 18 -16.01 -8.74 -2.91
C GLY B 18 -17.05 -8.76 -3.98
N ASP B 19 -18.27 -8.37 -3.65
CA ASP B 19 -19.28 -8.13 -4.68
C ASP B 19 -18.85 -7.02 -5.69
N VAL B 20 -18.65 -5.82 -5.15
CA VAL B 20 -18.24 -4.75 -6.03
C VAL B 20 -16.94 -5.11 -6.79
N ALA B 21 -16.05 -5.89 -6.17
CA ALA B 21 -14.80 -6.30 -6.84
C ALA B 21 -15.08 -7.15 -8.06
N ASP B 22 -16.05 -8.06 -7.90
CA ASP B 22 -16.43 -9.05 -8.93
C ASP B 22 -17.10 -8.40 -10.12
N VAL B 23 -18.11 -7.57 -9.85
CA VAL B 23 -18.81 -6.84 -10.89
C VAL B 23 -17.79 -5.97 -11.64
N SER B 24 -17.04 -5.14 -10.90
CA SER B 24 -16.07 -4.27 -11.58
C SER B 24 -15.15 -5.04 -12.54
N ARG B 25 -14.48 -6.09 -12.06
CA ARG B 25 -13.60 -6.94 -12.90
C ARG B 25 -14.33 -7.59 -14.09
N ALA B 26 -15.55 -8.09 -13.85
CA ALA B 26 -16.38 -8.62 -14.91
C ALA B 26 -16.80 -7.51 -15.90
N LEU B 27 -17.05 -6.29 -15.38
CA LEU B 27 -17.35 -5.17 -16.29
C LEU B 27 -16.16 -4.75 -17.16
N ARG B 28 -14.99 -4.57 -16.57
CA ARG B 28 -13.85 -4.24 -17.41
C ARG B 28 -13.62 -5.24 -18.57
N LEU B 29 -13.86 -6.53 -18.33
CA LEU B 29 -13.58 -7.58 -19.34
C LEU B 29 -14.49 -7.50 -20.61
N THR B 30 -15.71 -7.00 -20.42
CA THR B 30 -16.62 -6.71 -21.50
C THR B 30 -16.42 -5.32 -22.13
N GLY B 31 -15.27 -4.71 -21.87
CA GLY B 31 -14.95 -3.35 -22.36
C GLY B 31 -15.73 -2.17 -21.78
N ARG B 32 -15.94 -2.12 -20.47
CA ARG B 32 -16.34 -0.84 -19.83
C ARG B 32 -15.10 -0.36 -19.18
N ARG B 33 -14.94 0.95 -19.04
CA ARG B 33 -13.82 1.51 -18.33
C ARG B 33 -14.35 2.00 -16.97
N VAL B 34 -13.92 1.37 -15.89
CA VAL B 34 -14.45 1.61 -14.53
C VAL B 34 -13.94 2.94 -13.96
N MET B 35 -14.85 3.83 -13.57
CA MET B 35 -14.44 5.09 -12.99
C MET B 35 -14.81 5.11 -11.52
N LEU B 36 -13.88 5.54 -10.67
CA LEU B 36 -14.14 5.58 -9.24
C LEU B 36 -14.30 6.96 -8.70
N VAL B 37 -15.47 7.21 -8.10
CA VAL B 37 -15.70 8.47 -7.38
C VAL B 37 -15.85 8.23 -5.88
N PRO B 38 -14.76 8.46 -5.11
CA PRO B 38 -14.82 8.20 -3.67
C PRO B 38 -15.49 9.33 -2.95
N THR B 39 -16.55 9.01 -2.21
CA THR B 39 -17.22 10.05 -1.44
C THR B 39 -17.49 9.61 -0.01
N MET B 40 -17.84 10.58 0.82
CA MET B 40 -18.25 10.27 2.17
C MET B 40 -19.73 10.54 2.35
N GLY B 41 -20.54 10.35 1.29
CA GLY B 41 -22.00 10.62 1.38
C GLY B 41 -22.34 12.09 1.56
N ALA B 42 -23.61 12.41 1.86
CA ALA B 42 -24.12 13.80 1.94
C ALA B 42 -23.72 14.57 0.67
N LEU B 43 -24.17 14.04 -0.48
CA LEU B 43 -23.74 14.50 -1.79
C LEU B 43 -24.33 15.87 -2.21
N HIS B 44 -23.45 16.74 -2.69
CA HIS B 44 -23.82 18.01 -3.26
C HIS B 44 -23.21 18.18 -4.64
N GLU B 45 -23.39 19.36 -5.24
CA GLU B 45 -23.10 19.55 -6.65
C GLU B 45 -21.63 19.28 -6.96
N GLY B 46 -20.78 19.62 -6.01
CA GLY B 46 -19.37 19.34 -6.08
C GLY B 46 -19.14 17.86 -6.31
N HIS B 47 -19.85 16.99 -5.59
CA HIS B 47 -19.77 15.55 -5.89
C HIS B 47 -20.30 15.24 -7.31
N LEU B 48 -21.43 15.84 -7.65
CA LEU B 48 -22.07 15.56 -8.93
C LEU B 48 -21.11 15.94 -10.07
N ALA B 49 -20.36 17.04 -9.93
CA ALA B 49 -19.33 17.36 -10.94
C ALA B 49 -18.34 16.23 -11.12
N LEU B 50 -17.96 15.55 -10.04
CA LEU B 50 -17.00 14.40 -10.14
C LEU B 50 -17.62 13.29 -10.95
N VAL B 51 -18.89 13.00 -10.64
CA VAL B 51 -19.68 12.01 -11.36
C VAL B 51 -19.77 12.31 -12.86
N ARG B 52 -20.05 13.57 -13.19
CA ARG B 52 -20.19 14.01 -14.56
C ARG B 52 -18.90 13.86 -15.30
N ALA B 53 -17.77 14.29 -14.72
CA ALA B 53 -16.48 14.06 -15.38
C ALA B 53 -16.25 12.55 -15.58
N ALA B 54 -16.63 11.73 -14.61
CA ALA B 54 -16.43 10.30 -14.80
C ALA B 54 -17.32 9.74 -15.97
N LYS B 55 -18.57 10.21 -16.05
CA LYS B 55 -19.50 9.79 -17.08
C LYS B 55 -19.02 10.13 -18.51
N ARG B 56 -18.40 11.29 -18.72
CA ARG B 56 -18.04 11.62 -20.09
C ARG B 56 -16.77 10.91 -20.61
N VAL B 57 -16.28 9.91 -19.89
CA VAL B 57 -15.24 9.01 -20.46
C VAL B 57 -15.96 7.92 -21.28
N PRO B 58 -15.62 7.78 -22.57
CA PRO B 58 -16.29 6.81 -23.44
C PRO B 58 -16.18 5.43 -22.84
N GLY B 59 -17.33 4.76 -22.70
CA GLY B 59 -17.38 3.41 -22.16
C GLY B 59 -17.33 3.32 -20.66
N SER B 60 -17.35 4.47 -19.99
CA SER B 60 -17.28 4.54 -18.53
C SER B 60 -18.46 3.82 -17.88
N VAL B 61 -18.22 3.07 -16.80
CA VAL B 61 -19.28 2.75 -15.85
C VAL B 61 -18.84 3.40 -14.55
N VAL B 62 -19.76 4.08 -13.86
CA VAL B 62 -19.39 4.89 -12.71
C VAL B 62 -19.56 4.14 -11.37
N VAL B 63 -18.47 4.08 -10.60
CA VAL B 63 -18.55 3.60 -9.23
C VAL B 63 -18.37 4.78 -8.31
N VAL B 64 -19.36 4.97 -7.45
CA VAL B 64 -19.29 5.97 -6.41
C VAL B 64 -19.33 5.28 -5.07
N SER B 65 -18.27 5.41 -4.29
CA SER B 65 -18.26 4.81 -2.98
C SER B 65 -18.89 5.79 -2.04
N ILE B 66 -19.51 5.23 -1.01
CA ILE B 66 -20.03 6.02 0.07
C ILE B 66 -19.64 5.29 1.29
N PHE B 67 -18.74 5.92 2.02
CA PHE B 67 -18.13 5.38 3.19
C PHE B 67 -17.59 6.47 4.12
N VAL B 68 -18.00 6.42 5.38
CA VAL B 68 -17.50 7.37 6.34
C VAL B 68 -16.34 6.72 7.07
N ASN B 69 -15.15 7.28 6.83
CA ASN B 69 -13.89 6.83 7.47
C ASN B 69 -13.92 7.10 8.99
N PRO B 70 -13.87 6.04 9.84
CA PRO B 70 -14.11 6.26 11.28
C PRO B 70 -12.85 6.69 12.05
N PRO B 86 -28.91 9.32 2.81
CA PRO B 86 -28.63 7.94 2.40
C PRO B 86 -29.44 7.54 1.15
N ASP B 87 -30.75 7.32 1.32
CA ASP B 87 -31.68 7.20 0.18
C ASP B 87 -31.62 8.47 -0.67
N ASP B 88 -31.39 9.59 0.00
CA ASP B 88 -31.16 10.87 -0.65
C ASP B 88 -29.93 10.83 -1.60
N ASP B 89 -28.81 10.36 -1.08
CA ASP B 89 -27.60 10.26 -1.88
C ASP B 89 -27.80 9.38 -3.11
N LEU B 90 -28.41 8.21 -2.91
CA LEU B 90 -28.74 7.29 -3.98
C LEU B 90 -29.70 7.86 -5.03
N ALA B 91 -30.69 8.65 -4.59
CA ALA B 91 -31.56 9.31 -5.56
C ALA B 91 -30.78 10.31 -6.45
N GLN B 92 -29.85 11.04 -5.85
CA GLN B 92 -28.89 11.88 -6.63
C GLN B 92 -28.05 11.08 -7.62
N LEU B 93 -27.59 9.89 -7.21
CA LEU B 93 -26.78 9.07 -8.10
C LEU B 93 -27.67 8.47 -9.20
N ARG B 94 -28.81 7.91 -8.79
CA ARG B 94 -29.86 7.45 -9.68
C ARG B 94 -30.20 8.56 -10.70
N ALA B 95 -30.48 9.76 -10.20
CA ALA B 95 -30.69 10.90 -11.09
C ALA B 95 -29.48 11.31 -11.95
N GLU B 96 -28.23 11.04 -11.54
CA GLU B 96 -27.08 11.29 -12.44
C GLU B 96 -26.77 10.16 -13.45
N GLY B 97 -27.50 9.06 -13.34
CA GLY B 97 -27.36 7.91 -14.26
C GLY B 97 -26.21 6.98 -13.90
N VAL B 98 -25.88 6.95 -12.60
CA VAL B 98 -24.76 6.20 -12.05
C VAL B 98 -25.18 4.78 -11.87
N GLU B 99 -24.33 3.85 -12.28
CA GLU B 99 -24.67 2.44 -12.24
C GLU B 99 -24.25 1.66 -11.00
N ILE B 100 -23.16 2.07 -10.36
CA ILE B 100 -22.73 1.40 -9.14
C ILE B 100 -22.47 2.35 -8.00
N ALA B 101 -23.17 2.13 -6.89
CA ALA B 101 -22.77 2.71 -5.60
C ALA B 101 -22.24 1.60 -4.71
N PHE B 102 -21.13 1.88 -4.04
CA PHE B 102 -20.45 0.98 -3.11
C PHE B 102 -20.56 1.56 -1.71
N THR B 103 -21.38 0.91 -0.90
CA THR B 103 -21.76 1.44 0.42
C THR B 103 -21.44 0.47 1.54
N PRO B 104 -20.14 0.29 1.84
CA PRO B 104 -19.71 -0.78 2.76
C PRO B 104 -19.86 -0.36 4.25
N THR B 105 -19.90 -1.35 5.15
CA THR B 105 -19.90 -1.08 6.59
C THR B 105 -18.47 -0.88 7.09
N THR B 106 -18.31 -0.27 8.27
CA THR B 106 -17.00 -0.07 8.87
C THR B 106 -16.31 -1.44 9.07
N ALA B 107 -17.12 -2.43 9.44
CA ALA B 107 -16.63 -3.78 9.71
C ALA B 107 -16.24 -4.50 8.42
N ALA B 108 -16.92 -4.24 7.31
CA ALA B 108 -16.42 -4.82 6.07
C ALA B 108 -15.08 -4.18 5.62
N MET B 109 -14.89 -2.88 5.89
CA MET B 109 -13.70 -2.19 5.44
C MET B 109 -12.50 -2.51 6.33
N TYR B 110 -12.78 -2.61 7.64
CA TYR B 110 -11.77 -2.84 8.64
C TYR B 110 -12.02 -4.16 9.45
N PRO B 111 -12.14 -5.32 8.76
CA PRO B 111 -12.54 -6.53 9.51
C PRO B 111 -11.53 -6.94 10.57
N ASP B 112 -10.30 -6.43 10.45
CA ASP B 112 -9.23 -6.84 11.35
C ASP B 112 -8.78 -5.63 12.17
N GLY B 113 -9.66 -4.64 12.31
CA GLY B 113 -9.29 -3.37 12.94
C GLY B 113 -8.25 -2.55 12.18
N LEU B 114 -7.71 -1.52 12.83
CA LEU B 114 -6.59 -0.75 12.24
C LEU B 114 -5.32 -1.57 12.37
N ARG B 115 -4.89 -2.24 11.31
CA ARG B 115 -3.70 -3.06 11.44
C ARG B 115 -2.59 -2.51 10.51
N THR B 116 -2.44 -3.01 9.28
CA THR B 116 -1.50 -2.36 8.34
C THR B 116 -2.07 -1.03 7.81
N THR B 117 -1.28 0.01 7.77
CA THR B 117 -1.80 1.27 7.24
C THR B 117 -0.76 1.96 6.33
N VAL B 118 -1.21 3.03 5.66
CA VAL B 118 -0.33 3.83 4.80
C VAL B 118 0.27 4.92 5.68
N GLN B 119 1.58 5.07 5.60
CA GLN B 119 2.27 6.18 6.19
C GLN B 119 2.67 7.20 5.09
N PRO B 120 2.03 8.39 5.10
CA PRO B 120 2.27 9.42 4.13
C PRO B 120 3.62 9.99 4.30
N GLY B 121 4.18 10.58 3.25
CA GLY B 121 5.42 11.37 3.37
C GLY B 121 5.21 12.59 4.26
N PRO B 122 6.27 13.41 4.44
CA PRO B 122 6.26 14.58 5.38
C PRO B 122 5.22 15.68 5.07
N LEU B 123 4.79 15.72 3.81
CA LEU B 123 3.73 16.65 3.42
C LEU B 123 2.46 16.48 4.26
N ALA B 124 2.11 15.24 4.65
CA ALA B 124 0.90 15.00 5.43
C ALA B 124 0.95 15.68 6.81
N ALA B 125 2.10 16.24 7.18
CA ALA B 125 2.28 16.86 8.47
C ALA B 125 2.12 18.39 8.40
N GLU B 126 2.23 18.93 7.20
CA GLU B 126 2.07 20.36 7.07
C GLU B 126 0.63 20.79 6.84
N LEU B 127 0.39 22.10 6.93
CA LEU B 127 -0.90 22.69 6.51
C LEU B 127 -2.04 21.97 7.24
N GLU B 128 -2.89 21.21 6.52
CA GLU B 128 -4.04 20.55 7.24
C GLU B 128 -3.59 19.51 8.28
N GLY B 129 -2.37 18.98 8.11
CA GLY B 129 -1.75 18.00 9.01
C GLY B 129 -1.31 18.63 10.31
N GLY B 130 -1.31 19.95 10.35
CA GLY B 130 -1.05 20.69 11.58
C GLY B 130 -1.99 20.39 12.74
N PRO B 131 -3.30 20.71 12.61
CA PRO B 131 -4.18 20.29 13.71
C PRO B 131 -4.54 18.78 13.67
N ARG B 132 -4.86 18.23 12.50
CA ARG B 132 -5.15 16.78 12.38
C ARG B 132 -3.93 15.95 11.86
N PRO B 133 -2.88 15.72 12.71
CA PRO B 133 -1.65 15.07 12.22
C PRO B 133 -1.78 13.59 11.74
N THR B 134 -2.90 12.92 12.00
CA THR B 134 -3.09 11.57 11.47
C THR B 134 -4.11 11.48 10.35
N HIS B 135 -4.63 12.63 9.92
CA HIS B 135 -5.83 12.66 9.09
C HIS B 135 -5.58 11.98 7.73
N PHE B 136 -4.44 12.31 7.12
CA PHE B 136 -4.16 11.87 5.78
C PHE B 136 -3.75 10.40 5.69
N ALA B 137 -3.11 9.90 6.76
CA ALA B 137 -2.86 8.45 6.88
C ALA B 137 -4.19 7.75 6.72
N GLY B 138 -5.21 8.27 7.42
CA GLY B 138 -6.60 7.67 7.33
C GLY B 138 -7.13 7.67 5.90
N VAL B 139 -7.05 8.84 5.29
CA VAL B 139 -7.45 9.06 3.91
C VAL B 139 -6.69 8.16 2.93
N LEU B 140 -5.35 8.27 2.88
CA LEU B 140 -4.56 7.38 2.03
C LEU B 140 -4.86 5.86 2.19
N THR B 141 -4.99 5.39 3.42
CA THR B 141 -5.26 3.98 3.69
C THR B 141 -6.60 3.58 3.05
N VAL B 142 -7.64 4.40 3.24
CA VAL B 142 -8.95 4.01 2.70
C VAL B 142 -8.94 4.13 1.16
N VAL B 143 -8.22 5.13 0.64
CA VAL B 143 -8.16 5.31 -0.79
C VAL B 143 -7.46 4.17 -1.45
N LEU B 144 -6.32 3.78 -0.89
CA LEU B 144 -5.62 2.58 -1.33
C LEU B 144 -6.53 1.34 -1.27
N LYS B 145 -7.25 1.17 -0.18
CA LYS B 145 -8.22 0.05 -0.11
C LYS B 145 -9.26 0.10 -1.19
N LEU B 146 -9.74 1.30 -1.51
CA LEU B 146 -10.83 1.39 -2.45
C LEU B 146 -10.31 1.06 -3.82
N LEU B 147 -9.06 1.47 -4.09
CA LEU B 147 -8.44 1.28 -5.39
C LEU B 147 -8.19 -0.19 -5.63
N GLN B 148 -8.01 -0.93 -4.54
CA GLN B 148 -7.75 -2.37 -4.65
C GLN B 148 -9.01 -3.15 -4.82
N ILE B 149 -10.08 -2.76 -4.11
CA ILE B 149 -11.42 -3.32 -4.28
C ILE B 149 -11.98 -3.11 -5.69
N VAL B 150 -12.04 -1.86 -6.13
CA VAL B 150 -12.71 -1.48 -7.37
C VAL B 150 -11.82 -1.63 -8.61
N ARG B 151 -10.50 -1.49 -8.44
CA ARG B 151 -9.55 -1.48 -9.55
C ARG B 151 -10.04 -0.60 -10.68
N PRO B 152 -10.23 0.71 -10.43
CA PRO B 152 -10.72 1.63 -11.47
C PRO B 152 -9.68 1.94 -12.49
N ASP B 153 -10.05 2.27 -13.74
CA ASP B 153 -9.06 2.93 -14.62
C ASP B 153 -8.74 4.35 -14.20
N ARG B 154 -9.73 5.07 -13.66
CA ARG B 154 -9.55 6.46 -13.29
C ARG B 154 -10.22 6.72 -11.97
N VAL B 155 -9.55 7.53 -11.15
CA VAL B 155 -10.12 7.94 -9.89
C VAL B 155 -10.26 9.48 -9.81
N PHE B 156 -11.41 9.93 -9.34
CA PHE B 156 -11.82 11.35 -9.44
C PHE B 156 -11.82 12.02 -8.06
N PHE B 157 -11.00 13.06 -7.93
CA PHE B 157 -11.02 13.84 -6.70
C PHE B 157 -11.15 15.33 -6.99
N GLY B 158 -11.80 16.07 -6.08
CA GLY B 158 -12.01 17.50 -6.22
C GLY B 158 -10.77 18.28 -5.80
N GLU B 159 -10.52 19.44 -6.43
CA GLU B 159 -9.29 20.17 -6.11
C GLU B 159 -9.54 21.00 -4.88
N LYS B 160 -10.78 20.94 -4.40
CA LYS B 160 -11.10 21.68 -3.22
C LYS B 160 -10.14 21.24 -2.14
N ASP B 161 -10.14 19.92 -1.89
CA ASP B 161 -9.19 19.27 -1.01
C ASP B 161 -7.86 19.08 -1.70
N TYR B 162 -7.14 20.16 -1.95
CA TYR B 162 -5.96 20.11 -2.78
C TYR B 162 -4.75 19.34 -2.19
N GLN B 163 -4.51 19.53 -0.90
CA GLN B 163 -3.42 18.84 -0.26
C GLN B 163 -3.67 17.33 -0.33
N GLN B 164 -4.93 16.97 -0.16
CA GLN B 164 -5.33 15.61 -0.22
C GLN B 164 -5.05 15.06 -1.59
N LEU B 165 -5.39 15.83 -2.62
CA LEU B 165 -5.17 15.38 -3.97
C LEU B 165 -3.66 15.18 -4.19
N VAL B 166 -2.82 16.10 -3.69
CA VAL B 166 -1.37 15.98 -3.94
C VAL B 166 -0.82 14.70 -3.29
N LEU B 167 -1.27 14.41 -2.07
CA LEU B 167 -0.91 13.17 -1.35
C LEU B 167 -1.38 11.88 -2.06
N ILE B 168 -2.63 11.86 -2.49
CA ILE B 168 -3.11 10.77 -3.35
C ILE B 168 -2.27 10.54 -4.62
N ARG B 169 -1.87 11.60 -5.32
CA ARG B 169 -0.93 11.46 -6.47
C ARG B 169 0.38 10.83 -6.03
N GLN B 170 0.86 11.23 -4.86
CA GLN B 170 2.06 10.70 -4.24
C GLN B 170 1.92 9.22 -3.85
N LEU B 171 0.81 8.86 -3.23
CA LEU B 171 0.49 7.46 -2.99
C LEU B 171 0.59 6.66 -4.28
N VAL B 172 0.06 7.20 -5.38
CA VAL B 172 -0.11 6.44 -6.62
C VAL B 172 1.23 6.22 -7.30
N ALA B 173 2.07 7.25 -7.21
CA ALA B 173 3.37 7.22 -7.79
C ALA B 173 4.25 6.29 -6.96
N ASP B 174 4.15 6.48 -5.64
CA ASP B 174 5.00 5.84 -4.70
C ASP B 174 4.78 4.33 -4.61
N PHE B 175 3.51 3.89 -4.65
CA PHE B 175 3.23 2.51 -4.61
C PHE B 175 3.01 1.91 -6.00
N ASN B 176 3.45 2.60 -7.06
CA ASN B 176 3.31 2.10 -8.46
C ASN B 176 1.87 1.68 -8.84
N LEU B 177 0.88 2.42 -8.31
CA LEU B 177 -0.54 2.13 -8.56
C LEU B 177 -0.89 2.46 -10.00
N ASP B 178 -1.58 1.52 -10.63
CA ASP B 178 -1.82 1.62 -12.06
C ASP B 178 -3.25 2.15 -12.29
N VAL B 179 -3.43 3.46 -12.07
CA VAL B 179 -4.70 4.14 -12.10
C VAL B 179 -4.39 5.61 -12.46
N ALA B 180 -5.28 6.24 -13.23
CA ALA B 180 -5.16 7.70 -13.46
C ALA B 180 -5.93 8.45 -12.40
N VAL B 181 -5.24 9.42 -11.81
CA VAL B 181 -5.85 10.27 -10.78
C VAL B 181 -6.31 11.54 -11.47
N VAL B 182 -7.62 11.80 -11.36
CA VAL B 182 -8.15 12.96 -12.04
C VAL B 182 -8.63 14.01 -11.04
N GLY B 183 -8.08 15.21 -11.20
CA GLY B 183 -8.47 16.32 -10.35
C GLY B 183 -9.52 17.22 -11.00
N VAL B 184 -10.71 17.31 -10.38
CA VAL B 184 -11.81 18.11 -10.89
C VAL B 184 -11.89 19.51 -10.20
N PRO B 185 -11.86 20.58 -11.02
CA PRO B 185 -11.98 21.96 -10.47
C PRO B 185 -13.12 22.08 -9.47
N THR B 186 -12.84 22.89 -8.44
CA THR B 186 -13.79 23.24 -7.38
C THR B 186 -15.06 23.83 -7.95
N VAL B 187 -16.17 23.29 -7.48
CA VAL B 187 -17.49 23.87 -7.71
C VAL B 187 -17.80 24.90 -6.61
N ARG B 188 -18.24 26.10 -7.04
CA ARG B 188 -18.51 27.26 -6.16
C ARG B 188 -19.98 27.72 -6.19
N GLU B 189 -20.47 28.26 -5.10
CA GLU B 189 -21.71 29.05 -5.13
C GLU B 189 -21.52 30.30 -6.01
N ALA B 190 -22.62 31.01 -6.22
CA ALA B 190 -22.65 32.20 -7.08
C ALA B 190 -21.61 33.22 -6.65
N ASP B 191 -21.37 33.34 -5.35
CA ASP B 191 -20.46 34.36 -4.86
C ASP B 191 -18.99 33.89 -4.81
N GLY B 192 -18.75 32.64 -5.23
CA GLY B 192 -17.41 32.02 -5.20
C GLY B 192 -17.11 31.10 -4.00
N LEU B 193 -17.94 31.10 -2.96
CA LEU B 193 -17.72 30.21 -1.79
C LEU B 193 -17.60 28.76 -2.26
N ALA B 194 -16.47 28.12 -1.99
CA ALA B 194 -16.25 26.73 -2.44
C ALA B 194 -17.30 25.82 -1.78
N MET B 195 -18.03 25.06 -2.58
CA MET B 195 -19.04 24.15 -2.00
C MET B 195 -18.45 23.12 -1.05
N SER B 196 -19.23 22.81 -0.03
CA SER B 196 -18.88 21.92 1.04
C SER B 196 -20.17 21.75 1.82
N SER B 197 -20.30 20.62 2.51
CA SER B 197 -21.50 20.42 3.34
C SER B 197 -21.37 21.15 4.66
N ARG B 198 -20.18 21.66 4.97
CA ARG B 198 -20.05 22.52 6.16
C ARG B 198 -20.68 23.92 5.99
N ASN B 199 -20.91 24.34 4.75
CA ASN B 199 -21.39 25.69 4.49
C ASN B 199 -22.76 25.95 5.12
N ARG B 200 -23.50 24.86 5.40
CA ARG B 200 -24.85 24.92 5.90
C ARG B 200 -24.88 25.39 7.35
N TYR B 201 -23.75 25.26 8.04
CA TYR B 201 -23.64 25.64 9.46
C TYR B 201 -23.40 27.12 9.71
N LEU B 202 -22.97 27.86 8.68
CA LEU B 202 -22.66 29.29 8.82
C LEU B 202 -23.91 30.12 9.03
N ASP B 203 -23.96 30.93 10.07
CA ASP B 203 -25.05 31.88 10.22
C ASP B 203 -24.91 32.99 9.16
N PRO B 204 -25.88 33.91 9.08
CA PRO B 204 -25.82 34.88 7.98
C PRO B 204 -24.56 35.74 7.90
N ALA B 205 -24.08 36.19 9.07
CA ALA B 205 -22.88 37.01 9.19
C ALA B 205 -21.70 36.20 8.68
N GLN B 206 -21.56 35.00 9.21
CA GLN B 206 -20.45 34.12 8.89
C GLN B 206 -20.40 33.80 7.40
N ARG B 207 -21.58 33.50 6.84
CA ARG B 207 -21.77 33.19 5.45
C ARG B 207 -21.36 34.35 4.56
N ALA B 208 -21.69 35.57 4.98
CA ALA B 208 -21.28 36.74 4.21
C ALA B 208 -19.76 36.95 4.33
N ALA B 209 -19.18 36.82 5.51
CA ALA B 209 -17.71 36.98 5.66
C ALA B 209 -16.90 35.85 4.94
N ALA B 210 -17.51 34.67 4.86
CA ALA B 210 -16.91 33.48 4.20
C ALA B 210 -16.50 33.72 2.74
N VAL B 211 -17.27 34.57 2.04
CA VAL B 211 -16.94 34.94 0.66
C VAL B 211 -15.46 35.36 0.51
N ALA B 212 -14.91 35.91 1.59
CA ALA B 212 -13.55 36.50 1.56
C ALA B 212 -12.46 35.46 1.25
N LEU B 213 -12.69 34.19 1.61
CA LEU B 213 -11.70 33.18 1.23
C LEU B 213 -11.50 33.12 -0.29
N SER B 214 -12.58 32.96 -1.04
CA SER B 214 -12.43 32.87 -2.50
C SER B 214 -12.10 34.21 -3.19
N ALA B 215 -12.60 35.33 -2.63
CA ALA B 215 -12.32 36.64 -3.14
C ALA B 215 -10.84 36.94 -2.96
N ALA B 216 -10.29 36.59 -1.81
CA ALA B 216 -8.87 36.80 -1.56
C ALA B 216 -8.05 35.96 -2.52
N LEU B 217 -8.52 34.74 -2.79
CA LEU B 217 -7.73 33.85 -3.61
C LEU B 217 -7.71 34.32 -5.06
N THR B 218 -8.89 34.71 -5.58
CA THR B 218 -9.04 35.26 -6.93
CA THR B 218 -9.01 35.23 -6.94
C THR B 218 -8.30 36.59 -7.11
N ALA B 219 -8.42 37.47 -6.11
CA ALA B 219 -7.71 38.72 -6.10
C ALA B 219 -6.21 38.41 -6.28
N ALA B 220 -5.70 37.46 -5.49
CA ALA B 220 -4.30 37.02 -5.62
C ALA B 220 -3.95 36.48 -7.00
N ALA B 221 -4.80 35.62 -7.52
CA ALA B 221 -4.54 35.03 -8.80
C ALA B 221 -4.29 36.13 -9.86
N HIS B 222 -4.94 37.30 -9.74
CA HIS B 222 -4.81 38.38 -10.74
C HIS B 222 -3.74 39.38 -10.37
N ALA B 223 -3.49 39.55 -9.08
CA ALA B 223 -2.41 40.37 -8.58
C ALA B 223 -1.09 39.76 -8.97
N ALA B 224 -1.11 38.48 -9.33
CA ALA B 224 0.12 37.69 -9.54
C ALA B 224 1.02 38.20 -10.69
N THR B 225 0.44 38.92 -11.64
CA THR B 225 1.23 39.55 -12.73
C THR B 225 2.29 40.46 -12.16
N ALA B 226 2.01 41.01 -10.98
CA ALA B 226 2.95 41.87 -10.22
C ALA B 226 3.96 41.06 -9.34
N GLY B 227 3.94 39.72 -9.44
CA GLY B 227 4.79 38.85 -8.63
C GLY B 227 4.13 38.26 -7.38
N ALA B 228 4.90 37.44 -6.64
CA ALA B 228 4.36 36.66 -5.57
C ALA B 228 4.00 37.52 -4.36
N GLN B 229 4.87 38.43 -3.93
CA GLN B 229 4.55 39.22 -2.77
C GLN B 229 3.24 40.01 -2.93
N ALA B 230 3.03 40.54 -4.14
CA ALA B 230 1.83 41.30 -4.49
C ALA B 230 0.60 40.40 -4.35
N ALA B 231 0.73 39.15 -4.80
CA ALA B 231 -0.35 38.16 -4.72
C ALA B 231 -0.75 37.89 -3.27
N LEU B 232 0.27 37.66 -2.44
CA LEU B 232 0.02 37.33 -1.04
C LEU B 232 -0.57 38.51 -0.32
N ASP B 233 -0.06 39.71 -0.61
CA ASP B 233 -0.52 40.96 0.03
C ASP B 233 -1.96 41.24 -0.40
N ALA B 234 -2.28 41.00 -1.67
CA ALA B 234 -3.66 41.15 -2.14
C ALA B 234 -4.61 40.21 -1.39
N ALA B 235 -4.26 38.91 -1.33
CA ALA B 235 -5.06 37.92 -0.57
C ALA B 235 -5.27 38.31 0.91
N ARG B 236 -4.18 38.72 1.56
CA ARG B 236 -4.20 39.14 2.98
C ARG B 236 -5.08 40.37 3.21
N ALA B 237 -5.01 41.35 2.30
CA ALA B 237 -5.77 42.58 2.44
C ALA B 237 -7.25 42.21 2.53
N VAL B 238 -7.68 41.34 1.63
CA VAL B 238 -9.07 40.94 1.52
C VAL B 238 -9.56 40.20 2.77
N LEU B 239 -8.76 39.21 3.22
CA LEU B 239 -9.05 38.48 4.43
C LEU B 239 -9.13 39.42 5.61
N ASP B 240 -8.20 40.38 5.66
CA ASP B 240 -8.20 41.45 6.67
C ASP B 240 -9.45 42.32 6.72
N ALA B 241 -10.24 42.28 5.64
CA ALA B 241 -11.37 43.18 5.52
C ALA B 241 -12.60 42.44 6.00
N ALA B 242 -12.44 41.18 6.42
CA ALA B 242 -13.60 40.40 6.85
C ALA B 242 -13.59 40.21 8.36
N PRO B 243 -14.76 40.35 9.01
CA PRO B 243 -14.73 40.14 10.43
C PRO B 243 -15.03 38.63 10.75
N GLY B 244 -14.64 38.14 11.93
CA GLY B 244 -14.93 36.76 12.35
C GLY B 244 -14.30 35.63 11.53
N VAL B 245 -13.11 35.90 10.95
CA VAL B 245 -12.39 35.01 10.08
C VAL B 245 -10.95 34.81 10.56
N ALA B 246 -10.74 33.67 11.20
CA ALA B 246 -9.48 33.39 11.80
C ALA B 246 -8.71 32.52 10.81
N VAL B 247 -7.69 33.13 10.21
CA VAL B 247 -6.87 32.45 9.22
C VAL B 247 -5.88 31.53 9.90
N ASP B 248 -6.00 30.23 9.66
CA ASP B 248 -5.01 29.28 10.15
C ASP B 248 -3.77 29.38 9.30
N TYR B 249 -3.94 29.48 7.98
CA TYR B 249 -2.73 29.69 7.14
C TYR B 249 -3.07 30.28 5.82
N LEU B 250 -2.08 30.84 5.16
CA LEU B 250 -2.29 31.35 3.85
C LEU B 250 -0.93 31.19 3.17
N GLU B 251 -0.85 30.22 2.28
CA GLU B 251 0.44 29.81 1.80
C GLU B 251 0.40 29.55 0.33
N LEU B 252 1.46 30.03 -0.30
CA LEU B 252 1.74 29.83 -1.69
C LEU B 252 2.84 28.76 -1.86
N ARG B 253 2.65 27.81 -2.77
CA ARG B 253 3.55 26.69 -2.91
C ARG B 253 3.62 26.37 -4.38
N ASP B 254 4.55 25.48 -4.80
CA ASP B 254 4.47 24.97 -6.17
C ASP B 254 3.30 24.02 -6.23
N ILE B 255 2.97 23.60 -7.44
CA ILE B 255 1.81 22.82 -7.65
C ILE B 255 1.83 21.45 -6.92
N GLY B 256 3.01 20.91 -6.65
CA GLY B 256 3.13 19.69 -5.86
C GLY B 256 3.25 19.93 -4.36
N LEU B 257 3.15 21.21 -3.94
CA LEU B 257 3.17 21.69 -2.57
C LEU B 257 4.57 21.77 -1.94
N GLY B 258 5.60 21.74 -2.79
CA GLY B 258 6.93 22.13 -2.33
C GLY B 258 6.98 23.65 -2.26
N PRO B 259 8.20 24.19 -2.05
CA PRO B 259 8.44 25.64 -2.02
C PRO B 259 8.10 26.28 -3.36
N MET B 260 7.46 27.46 -3.30
CA MET B 260 7.21 28.26 -4.48
C MET B 260 8.51 28.56 -5.22
N PRO B 261 8.55 28.23 -6.53
CA PRO B 261 9.71 28.65 -7.35
C PRO B 261 9.69 30.17 -7.59
N LEU B 262 10.80 30.74 -8.04
CA LEU B 262 10.84 32.20 -8.26
C LEU B 262 9.75 32.69 -9.23
N ASN B 263 9.52 31.94 -10.30
CA ASN B 263 8.38 32.20 -11.18
C ASN B 263 7.86 30.85 -11.68
N GLY B 264 6.73 30.85 -12.39
CA GLY B 264 6.14 29.60 -12.87
C GLY B 264 4.86 29.28 -12.11
N SER B 265 4.31 28.09 -12.35
CA SER B 265 2.99 27.72 -11.83
C SER B 265 3.05 27.48 -10.33
N GLY B 266 1.99 27.89 -9.63
CA GLY B 266 1.92 27.67 -8.19
C GLY B 266 0.53 27.32 -7.70
N ARG B 267 0.40 27.28 -6.38
CA ARG B 267 -0.90 27.07 -5.78
C ARG B 267 -0.99 27.89 -4.51
N LEU B 268 -2.08 28.61 -4.33
CA LEU B 268 -2.22 29.39 -3.14
C LEU B 268 -3.34 28.73 -2.31
N LEU B 269 -3.04 28.48 -1.03
CA LEU B 269 -3.99 27.75 -0.16
C LEU B 269 -4.22 28.53 1.11
N VAL B 270 -5.47 28.47 1.55
CA VAL B 270 -5.93 29.21 2.73
C VAL B 270 -6.86 28.31 3.55
N ALA B 271 -6.93 28.54 4.85
CA ALA B 271 -7.87 27.86 5.72
C ALA B 271 -8.27 28.77 6.85
N ALA B 272 -9.53 28.75 7.23
CA ALA B 272 -9.91 29.66 8.29
C ALA B 272 -11.00 29.15 9.12
N ARG B 273 -11.08 29.66 10.34
CA ARG B 273 -12.16 29.30 11.24
C ARG B 273 -13.17 30.42 11.36
N LEU B 274 -14.41 30.09 11.07
CA LEU B 274 -15.54 30.98 11.27
C LEU B 274 -16.41 30.33 12.32
N GLY B 275 -16.33 30.86 13.55
CA GLY B 275 -17.07 30.34 14.72
C GLY B 275 -16.47 28.95 14.96
N THR B 276 -17.30 27.92 14.94
CA THR B 276 -16.74 26.55 15.00
C THR B 276 -16.53 25.94 13.61
N THR B 277 -16.71 26.70 12.55
CA THR B 277 -16.60 26.08 11.22
C THR B 277 -15.27 26.35 10.54
N ARG B 278 -14.61 25.28 10.14
CA ARG B 278 -13.36 25.38 9.40
C ARG B 278 -13.61 25.26 7.89
N LEU B 279 -13.26 26.31 7.15
CA LEU B 279 -13.42 26.32 5.69
C LEU B 279 -12.02 26.32 5.05
N LEU B 280 -11.90 25.72 3.86
CA LEU B 280 -10.66 25.79 3.06
C LEU B 280 -10.91 26.23 1.65
N ASP B 281 -9.86 26.76 1.04
CA ASP B 281 -9.87 27.03 -0.37
C ASP B 281 -8.43 27.11 -0.86
N ASN B 282 -8.31 26.99 -2.17
CA ASN B 282 -7.03 27.12 -2.82
C ASN B 282 -7.25 27.48 -4.26
N ILE B 283 -6.20 27.96 -4.92
CA ILE B 283 -6.33 28.36 -6.32
C ILE B 283 -5.01 28.26 -7.04
N ALA B 284 -5.07 27.92 -8.31
CA ALA B 284 -3.94 28.03 -9.25
C ALA B 284 -3.43 29.44 -9.34
N ILE B 285 -2.12 29.61 -9.35
CA ILE B 285 -1.44 30.89 -9.45
C ILE B 285 -0.27 30.80 -10.47
N GLU B 286 -0.23 31.66 -11.47
CA GLU B 286 0.99 31.84 -12.29
C GLU B 286 1.77 33.06 -11.84
N ILE B 287 3.07 32.91 -11.64
CA ILE B 287 3.88 34.05 -11.20
C ILE B 287 4.57 34.77 -12.38
N GLY B 288 4.10 36.01 -12.62
CA GLY B 288 4.57 36.86 -13.72
C GLY B 288 3.45 37.11 -14.71
#